data_3R6B
#
_entry.id   3R6B
#
_cell.length_a   66.364
_cell.length_b   84.817
_cell.length_c   60.707
_cell.angle_alpha   90.00
_cell.angle_beta   90.00
_cell.angle_gamma   90.00
#
_symmetry.space_group_name_H-M   'C 2 2 21'
#
loop_
_entity.id
_entity.type
_entity.pdbx_description
1 polymer Thrombospondin-1
2 non-polymer 1,2-ETHANEDIOL
3 water water
#
_entity_poly.entity_id   1
_entity_poly.type   'polypeptide(L)'
_entity_poly.pdbx_seq_one_letter_code
;GAMDPEFELQDGGWSHWSPWSSCSVTCGDGVITRIRLCNSPSPQMNGKPCEGEARETKACKKDACPINGGWGPWSPWDIC
SVTCGGGVQKRSRLCNNPTPQFGGKDCVGDVTENQICNKQDCPLEPYTYRVRFLAKENVTQDAEDNTVSFLQP
;
_entity_poly.pdbx_strand_id   A
#
# COMPACT_ATOMS: atom_id res chain seq x y z
N LEU A 9 3.20 52.25 -1.19
CA LEU A 9 3.98 51.02 -1.10
C LEU A 9 3.94 50.43 0.30
N GLN A 10 3.15 49.38 0.46
CA GLN A 10 3.01 48.70 1.74
C GLN A 10 3.59 47.29 1.71
N ASP A 11 4.37 46.96 2.73
CA ASP A 11 4.97 45.65 2.85
C ASP A 11 3.89 44.62 3.11
N GLY A 12 4.10 43.40 2.62
CA GLY A 12 3.16 42.34 2.88
C GLY A 12 3.22 41.97 4.35
N GLY A 13 2.21 41.25 4.83
CA GLY A 13 2.29 40.66 6.13
C GLY A 13 1.42 39.43 6.14
N TRP A 14 1.81 38.45 6.96
CA TRP A 14 1.21 37.14 6.95
C TRP A 14 -0.09 37.15 7.71
N SER A 15 -1.03 36.31 7.31
CA SER A 15 -2.19 36.08 8.14
C SER A 15 -1.70 35.14 9.24
N HIS A 16 -2.55 34.86 10.22
CA HIS A 16 -2.26 33.81 11.17
C HIS A 16 -2.29 32.49 10.41
N TRP A 17 -1.69 31.46 11.01
CA TRP A 17 -1.67 30.14 10.39
C TRP A 17 -3.06 29.53 10.42
N SER A 18 -3.40 28.82 9.34
CA SER A 18 -4.56 27.97 9.33
C SER A 18 -4.38 26.88 10.38
N PRO A 19 -5.46 26.22 10.78
CA PRO A 19 -5.36 25.04 11.62
C PRO A 19 -4.51 23.98 10.91
N TRP A 20 -3.96 23.04 11.68
CA TRP A 20 -3.25 21.91 11.08
C TRP A 20 -4.29 20.98 10.48
N SER A 21 -4.01 20.43 9.31
CA SER A 21 -4.89 19.39 8.79
C SER A 21 -4.71 18.13 9.61
N SER A 22 -5.51 17.12 9.27
CA SER A 22 -5.35 15.75 9.76
C SER A 22 -4.10 15.12 9.17
N CYS A 23 -3.66 14.02 9.75
CA CYS A 23 -2.60 13.23 9.15
C CYS A 23 -3.01 12.79 7.75
N SER A 24 -2.10 12.94 6.78
CA SER A 24 -2.39 12.53 5.41
C SER A 24 -2.50 11.00 5.20
N VAL A 25 -2.16 10.21 6.23
CA VAL A 25 -2.38 8.76 6.16
C VAL A 25 -3.12 8.27 7.40
N THR A 26 -3.85 7.18 7.24
CA THR A 26 -4.45 6.50 8.39
C THR A 26 -3.59 5.31 8.83
N CYS A 27 -2.52 5.06 8.08
CA CYS A 27 -1.52 4.06 8.46
C CYS A 27 -0.19 4.44 7.83
N GLY A 28 0.89 4.00 8.46
CA GLY A 28 2.21 4.38 7.99
C GLY A 28 2.54 5.82 8.35
N ASP A 29 3.46 6.41 7.60
CA ASP A 29 3.96 7.76 7.88
C ASP A 29 3.38 8.80 6.91
N GLY A 30 3.16 10.00 7.41
CA GLY A 30 2.64 11.08 6.58
C GLY A 30 2.83 12.44 7.23
N VAL A 31 2.17 13.45 6.68
CA VAL A 31 2.32 14.79 7.22
C VAL A 31 1.00 15.50 7.51
N ILE A 32 1.00 16.27 8.59
CA ILE A 32 -0.04 17.25 8.83
C ILE A 32 0.51 18.56 8.29
N THR A 33 -0.36 19.37 7.71
CA THR A 33 0.06 20.60 7.03
C THR A 33 -0.78 21.81 7.44
N ARG A 34 -0.14 22.98 7.51
CA ARG A 34 -0.86 24.21 7.82
C ARG A 34 -0.34 25.37 6.97
N ILE A 35 -1.23 26.25 6.53
CA ILE A 35 -0.83 27.30 5.61
C ILE A 35 -1.18 28.71 6.09
N ARG A 36 -0.55 29.70 5.45
CA ARG A 36 -0.83 31.11 5.70
C ARG A 36 -0.71 31.93 4.41
N LEU A 37 -1.21 33.16 4.43
CA LEU A 37 -1.31 33.97 3.22
C LEU A 37 -0.67 35.33 3.44
N CYS A 38 -0.15 35.95 2.38
CA CYS A 38 0.35 37.28 2.62
C CYS A 38 -0.79 38.13 2.14
N ASN A 39 -1.79 38.21 3.01
CA ASN A 39 -2.97 39.05 2.85
C ASN A 39 -3.18 40.13 3.92
N SER A 40 -2.25 40.22 4.86
CA SER A 40 -2.51 40.99 6.07
C SER A 40 -1.44 42.04 6.39
N PRO A 41 -1.28 43.03 5.50
CA PRO A 41 -2.04 43.15 4.26
C PRO A 41 -1.32 42.51 3.08
N SER A 42 -1.96 42.54 1.92
CA SER A 42 -1.29 42.14 0.70
C SER A 42 -0.26 43.21 0.39
N PRO A 43 0.89 42.81 -0.16
CA PRO A 43 1.85 43.81 -0.63
C PRO A 43 1.15 44.72 -1.64
N GLN A 44 1.53 46.00 -1.53
CA GLN A 44 1.11 47.11 -2.35
C GLN A 44 2.22 47.42 -3.33
N MET A 45 1.98 48.37 -4.22
CA MET A 45 2.91 48.72 -5.28
C MET A 45 4.33 48.92 -4.73
N ASN A 46 5.24 48.06 -5.18
CA ASN A 46 6.62 48.14 -4.76
C ASN A 46 6.77 47.89 -3.26
N GLY A 47 5.83 47.14 -2.69
CA GLY A 47 5.94 46.80 -1.29
C GLY A 47 6.73 45.52 -1.09
N LYS A 48 7.33 45.36 0.08
CA LYS A 48 8.08 44.15 0.37
C LYS A 48 7.13 42.96 0.50
N PRO A 49 7.54 41.81 -0.02
CA PRO A 49 6.75 40.58 0.10
C PRO A 49 6.90 39.95 1.48
N CYS A 50 5.94 39.14 1.88
CA CYS A 50 6.08 38.42 3.13
C CYS A 50 7.31 37.52 3.01
N GLU A 51 8.00 37.29 4.13
CA GLU A 51 9.18 36.42 4.09
C GLU A 51 9.00 35.15 4.89
N GLY A 52 9.51 34.05 4.34
CA GLY A 52 9.37 32.75 4.99
C GLY A 52 8.36 31.86 4.29
N GLU A 53 8.24 30.63 4.78
CA GLU A 53 7.34 29.63 4.19
C GLU A 53 5.86 29.99 4.36
N ALA A 54 5.11 29.83 3.28
CA ALA A 54 3.67 30.06 3.32
C ALA A 54 2.96 28.79 3.79
N ARG A 55 3.72 27.71 3.99
CA ARG A 55 3.15 26.50 4.57
C ARG A 55 4.17 25.69 5.38
N GLU A 56 3.67 24.95 6.37
CA GLU A 56 4.52 24.09 7.17
C GLU A 56 3.94 22.70 7.23
N THR A 57 4.80 21.73 7.44
CA THR A 57 4.40 20.33 7.58
C THR A 57 5.02 19.74 8.84
N LYS A 58 4.52 18.59 9.26
CA LYS A 58 5.13 17.90 10.38
C LYS A 58 5.12 16.41 10.09
N ALA A 59 5.53 15.63 11.08
CA ALA A 59 5.53 14.18 10.95
C ALA A 59 4.33 13.65 11.71
N CYS A 60 3.54 12.83 11.05
CA CYS A 60 2.51 12.07 11.73
C CYS A 60 2.75 10.59 11.43
N LYS A 61 2.84 9.80 12.48
CA LYS A 61 3.08 8.37 12.32
C LYS A 61 1.90 7.60 12.88
N LYS A 62 1.52 6.56 12.15
CA LYS A 62 0.41 5.70 12.53
C LYS A 62 0.91 4.28 12.43
N ASP A 63 0.15 3.34 12.97
CA ASP A 63 0.53 1.93 12.90
C ASP A 63 0.60 1.51 11.44
N ALA A 64 1.36 0.45 11.18
CA ALA A 64 1.60 -0.02 9.83
C ALA A 64 0.29 -0.33 9.09
N CYS A 65 0.27 -0.03 7.80
CA CYS A 65 -0.85 -0.41 6.94
C CYS A 65 -0.92 -1.93 6.78
N PRO A 66 -2.13 -2.48 6.69
CA PRO A 66 -2.25 -3.91 6.44
C PRO A 66 -1.44 -4.34 5.23
N ILE A 67 -0.85 -5.53 5.31
CA ILE A 67 -0.17 -6.15 4.19
C ILE A 67 -0.97 -7.40 3.81
N ASN A 68 -1.58 -7.38 2.63
CA ASN A 68 -2.42 -8.49 2.21
C ASN A 68 -1.60 -9.66 1.68
N GLY A 69 -2.10 -10.88 1.90
CA GLY A 69 -1.40 -12.07 1.45
C GLY A 69 -1.27 -12.15 -0.07
N GLY A 70 -0.04 -12.30 -0.56
CA GLY A 70 0.19 -12.75 -1.92
C GLY A 70 0.51 -14.25 -1.97
N TRP A 71 0.17 -14.92 -3.07
CA TRP A 71 0.50 -16.33 -3.25
C TRP A 71 1.94 -16.48 -3.73
N GLY A 72 2.68 -17.40 -3.15
CA GLY A 72 3.98 -17.76 -3.73
C GLY A 72 3.74 -18.67 -4.92
N PRO A 73 4.81 -19.09 -5.60
CA PRO A 73 4.66 -19.99 -6.74
C PRO A 73 4.18 -21.39 -6.37
N TRP A 74 3.51 -22.03 -7.32
CA TRP A 74 3.13 -23.43 -7.19
C TRP A 74 4.38 -24.29 -7.13
N SER A 75 4.33 -25.35 -6.32
CA SER A 75 5.33 -26.41 -6.44
C SER A 75 5.21 -27.10 -7.79
N PRO A 76 6.27 -27.80 -8.21
CA PRO A 76 6.18 -28.68 -9.36
C PRO A 76 5.07 -29.70 -9.13
N TRP A 77 4.36 -30.10 -10.18
CA TRP A 77 3.40 -31.17 -10.04
C TRP A 77 4.07 -32.42 -9.45
N ASP A 78 3.41 -33.08 -8.52
CA ASP A 78 3.86 -34.40 -8.06
C ASP A 78 3.74 -35.41 -9.20
N ILE A 79 4.52 -36.49 -9.13
CA ILE A 79 4.42 -37.58 -10.09
C ILE A 79 3.03 -38.23 -10.06
N CYS A 80 2.52 -38.61 -11.22
CA CYS A 80 1.18 -39.17 -11.30
C CYS A 80 1.06 -40.37 -10.37
N SER A 81 -0.11 -40.57 -9.80
CA SER A 81 -0.32 -41.69 -8.87
C SER A 81 -0.22 -43.03 -9.59
N VAL A 82 -0.44 -43.02 -10.90
CA VAL A 82 -0.27 -44.21 -11.71
C VAL A 82 0.53 -43.85 -12.95
N THR A 83 1.24 -44.84 -13.51
CA THR A 83 1.96 -44.62 -14.74
C THR A 83 0.99 -44.71 -15.90
N CYS A 84 -0.16 -45.33 -15.65
CA CYS A 84 -1.10 -45.62 -16.71
C CYS A 84 -2.53 -45.74 -16.21
N GLY A 85 -3.47 -45.41 -17.11
CA GLY A 85 -4.88 -45.66 -16.85
C GLY A 85 -5.57 -44.68 -15.93
N GLY A 86 -5.31 -43.38 -16.12
CA GLY A 86 -6.00 -42.39 -15.33
C GLY A 86 -5.65 -42.17 -13.86
N GLY A 87 -4.46 -41.65 -13.59
CA GLY A 87 -4.11 -41.26 -12.25
C GLY A 87 -4.39 -39.81 -11.91
N VAL A 88 -4.01 -39.41 -10.70
CA VAL A 88 -4.13 -38.03 -10.26
C VAL A 88 -2.77 -37.51 -9.80
N GLN A 89 -2.59 -36.18 -9.90
CA GLN A 89 -1.39 -35.54 -9.39
C GLN A 89 -1.71 -34.20 -8.74
N LYS A 90 -0.82 -33.75 -7.87
CA LYS A 90 -1.15 -32.67 -6.97
C LYS A 90 -0.01 -31.66 -6.91
N ARG A 91 -0.36 -30.39 -6.76
CA ARG A 91 0.62 -29.35 -6.48
C ARG A 91 0.04 -28.39 -5.47
N SER A 92 0.91 -27.59 -4.86
CA SER A 92 0.47 -26.69 -3.79
C SER A 92 1.29 -25.40 -3.71
N ARG A 93 0.74 -24.43 -2.99
CA ARG A 93 1.37 -23.11 -2.84
C ARG A 93 1.18 -22.57 -1.40
N LEU A 94 1.92 -21.52 -1.06
CA LEU A 94 1.82 -20.93 0.26
C LEU A 94 1.35 -19.49 0.14
N CYS A 95 0.62 -18.97 1.12
CA CYS A 95 0.34 -17.57 1.02
C CYS A 95 1.35 -16.94 1.95
N ASN A 96 2.57 -16.84 1.43
CA ASN A 96 3.68 -16.19 2.10
C ASN A 96 4.34 -15.06 1.32
N ASN A 97 3.77 -14.72 0.17
CA ASN A 97 4.47 -13.84 -0.75
C ASN A 97 3.69 -12.57 -1.11
N PRO A 98 3.43 -11.70 -0.13
CA PRO A 98 3.87 -11.77 1.26
C PRO A 98 2.87 -12.50 2.12
N THR A 99 3.22 -12.67 3.40
CA THR A 99 2.33 -13.21 4.40
C THR A 99 1.39 -12.12 4.89
N PRO A 100 0.10 -12.43 5.06
CA PRO A 100 -0.79 -11.38 5.56
C PRO A 100 -0.24 -10.82 6.88
N GLN A 101 -0.21 -9.49 7.02
CA GLN A 101 0.34 -8.88 8.21
C GLN A 101 -0.41 -7.60 8.57
N PHE A 102 -0.32 -7.21 9.83
CA PHE A 102 -0.99 -6.01 10.31
C PHE A 102 -2.45 -5.99 9.84
N GLY A 103 -3.15 -7.11 9.98
CA GLY A 103 -4.55 -7.19 9.62
C GLY A 103 -4.87 -7.36 8.15
N GLY A 104 -3.86 -7.47 7.29
CA GLY A 104 -4.12 -7.68 5.87
C GLY A 104 -4.95 -8.92 5.60
N LYS A 105 -5.56 -8.96 4.42
CA LYS A 105 -6.44 -10.07 4.06
C LYS A 105 -5.68 -11.37 3.79
N ASP A 106 -6.40 -12.47 3.94
CA ASP A 106 -5.90 -13.78 3.57
C ASP A 106 -5.80 -13.85 2.05
N CYS A 107 -4.97 -14.76 1.55
CA CYS A 107 -4.96 -15.00 0.12
C CYS A 107 -6.31 -15.59 -0.22
N VAL A 108 -6.77 -15.35 -1.44
CA VAL A 108 -8.00 -15.98 -1.94
C VAL A 108 -7.68 -17.14 -2.90
N GLY A 109 -8.08 -18.34 -2.53
CA GLY A 109 -7.94 -19.47 -3.43
C GLY A 109 -7.61 -20.78 -2.76
N ASP A 110 -7.35 -21.80 -3.57
CA ASP A 110 -6.98 -23.11 -3.08
C ASP A 110 -5.50 -23.15 -2.74
N VAL A 111 -5.16 -23.76 -1.62
CA VAL A 111 -3.77 -24.02 -1.29
C VAL A 111 -3.25 -25.17 -2.16
N THR A 112 -4.15 -26.00 -2.66
CA THR A 112 -3.77 -27.17 -3.43
C THR A 112 -4.59 -27.36 -4.71
N GLU A 113 -3.96 -27.93 -5.72
CA GLU A 113 -4.62 -28.28 -6.97
C GLU A 113 -4.35 -29.72 -7.30
N ASN A 114 -5.35 -30.38 -7.85
CA ASN A 114 -5.19 -31.72 -8.36
C ASN A 114 -5.58 -31.72 -9.82
N GLN A 115 -5.06 -32.67 -10.58
CA GLN A 115 -5.53 -32.88 -11.95
C GLN A 115 -5.22 -34.31 -12.42
N ILE A 116 -5.96 -34.76 -13.43
CA ILE A 116 -5.73 -36.08 -13.99
C ILE A 116 -4.36 -36.12 -14.65
N CYS A 117 -3.82 -37.33 -14.77
CA CYS A 117 -2.58 -37.53 -15.50
C CYS A 117 -2.58 -38.94 -16.05
N ASN A 118 -1.84 -39.15 -17.14
CA ASN A 118 -1.72 -40.46 -17.77
C ASN A 118 -3.06 -41.14 -17.99
N LYS A 119 -4.03 -40.42 -18.53
CA LYS A 119 -5.38 -40.98 -18.68
C LYS A 119 -5.48 -42.08 -19.75
N GLN A 120 -4.41 -42.30 -20.51
CA GLN A 120 -4.39 -43.37 -21.50
C GLN A 120 -4.44 -44.74 -20.81
N ASP A 121 -4.94 -45.75 -21.53
CA ASP A 121 -5.10 -47.09 -20.94
C ASP A 121 -3.82 -47.93 -20.91
N CYS A 122 -3.75 -48.86 -19.96
CA CYS A 122 -2.52 -49.60 -19.69
C CYS A 122 -2.45 -50.97 -20.35
N PRO A 123 -1.27 -51.31 -20.86
CA PRO A 123 -1.06 -52.61 -21.52
C PRO A 123 -1.00 -53.75 -20.51
#